data_1VGI
#
_entry.id   1VGI
#
_cell.length_a   65.100
_cell.length_b   65.100
_cell.length_c   120.500
_cell.angle_alpha   90.00
_cell.angle_beta   90.00
_cell.angle_gamma   120.00
#
_symmetry.space_group_name_H-M   'P 32 2 1'
#
loop_
_entity.id
_entity.type
_entity.pdbx_description
1 polymer 'Heme oxygenase 1'
2 non-polymer 'PROTOPORPHYRIN IX CONTAINING FE'
3 non-polymer XENON
4 non-polymer 'FORMIC ACID'
5 water water
#
_entity_poly.entity_id   1
_entity_poly.type   'polypeptide(L)'
_entity_poly.pdbx_seq_one_letter_code
;MERPQLDSMSQDLSEALKEATKEVHIRAENSEFMRNFQKGQVSREGFKLVMASLYHIYTALEEEIERNKQNPVYAPLYFP
EELHRRAALEQDMAFWYGPHWQEAIPYTPATQHYVKRLHEVGGTHPELLVAHAYTRYLGDLSGGQVLKKIAQKAMALPSS
GEGLAFFTFPSIDNPTKFKQLYRARMNTLEMTPEVKHRVTEEAKTAFLLNIELFEELQALLTEEHKDQSPSQTEFLRQRP
ASLVQDTTSAETPRGKSQISTSSSQTP
;
_entity_poly.pdbx_strand_id   A
#
# COMPACT_ATOMS: atom_id res chain seq x y z
N GLN A 11 2.69 -9.74 24.05
CA GLN A 11 1.86 -8.85 23.19
C GLN A 11 1.79 -9.42 21.77
N ASP A 12 0.57 -9.54 21.23
CA ASP A 12 0.40 -10.06 19.89
C ASP A 12 1.03 -9.12 18.86
N LEU A 13 1.55 -9.69 17.78
CA LEU A 13 2.17 -8.88 16.73
C LEU A 13 1.21 -7.81 16.20
N SER A 14 -0.04 -8.17 15.96
CA SER A 14 -1.03 -7.24 15.45
C SER A 14 -1.19 -6.02 16.36
N GLU A 15 -1.21 -6.28 17.67
CA GLU A 15 -1.33 -5.21 18.65
C GLU A 15 -0.07 -4.36 18.67
N ALA A 16 1.08 -5.03 18.63
CA ALA A 16 2.36 -4.35 18.64
C ALA A 16 2.50 -3.44 17.43
N LEU A 17 2.01 -3.90 16.28
CA LEU A 17 2.08 -3.09 15.06
C LEU A 17 1.15 -1.88 15.12
N LYS A 18 -0.07 -2.08 15.58
CA LYS A 18 -1.02 -0.98 15.67
C LYS A 18 -0.47 0.09 16.61
N GLU A 19 0.05 -0.34 17.75
CA GLU A 19 0.62 0.56 18.72
C GLU A 19 1.87 1.27 18.18
N ALA A 20 2.70 0.52 17.48
CA ALA A 20 3.93 1.08 16.93
C ALA A 20 3.73 2.10 15.82
N THR A 21 2.63 1.98 15.09
CA THR A 21 2.37 2.89 13.98
C THR A 21 1.23 3.88 14.15
N LYS A 22 0.55 3.87 15.30
CA LYS A 22 -0.55 4.80 15.50
C LYS A 22 -0.13 6.27 15.40
N GLU A 23 1.07 6.59 15.86
CA GLU A 23 1.57 7.97 15.82
C GLU A 23 1.92 8.40 14.40
N VAL A 24 2.74 7.62 13.71
CA VAL A 24 3.12 7.98 12.36
C VAL A 24 1.91 7.93 11.41
N HIS A 25 0.90 7.13 11.75
CA HIS A 25 -0.29 7.05 10.90
C HIS A 25 -0.98 8.41 10.94
N ILE A 26 -1.04 9.01 12.12
CA ILE A 26 -1.66 10.33 12.25
C ILE A 26 -0.94 11.32 11.35
N ARG A 27 0.39 11.27 11.32
CA ARG A 27 1.19 12.17 10.49
C ARG A 27 1.00 11.90 9.00
N ALA A 28 0.79 10.64 8.66
CA ALA A 28 0.60 10.25 7.27
C ALA A 28 -0.77 10.66 6.74
N GLU A 29 -1.81 10.38 7.52
CA GLU A 29 -3.15 10.72 7.09
C GLU A 29 -3.39 12.23 7.08
N ASN A 30 -2.51 12.97 7.73
CA ASN A 30 -2.64 14.42 7.77
C ASN A 30 -1.56 15.12 6.96
N SER A 31 -0.89 14.36 6.09
CA SER A 31 0.13 14.95 5.24
C SER A 31 -0.59 15.89 4.27
N GLU A 32 0.13 16.88 3.78
CA GLU A 32 -0.41 17.87 2.85
C GLU A 32 -1.13 17.25 1.64
N PHE A 33 -0.53 16.24 1.03
CA PHE A 33 -1.13 15.61 -0.14
C PHE A 33 -2.46 14.93 0.20
N MET A 34 -2.48 14.16 1.28
CA MET A 34 -3.71 13.47 1.68
C MET A 34 -4.76 14.50 2.10
N ARG A 35 -4.30 15.63 2.61
CA ARG A 35 -5.18 16.69 3.05
C ARG A 35 -5.90 17.30 1.83
N ASN A 36 -5.13 17.60 0.80
CA ASN A 36 -5.69 18.16 -0.43
C ASN A 36 -6.60 17.14 -1.09
N PHE A 37 -6.20 15.88 -1.05
CA PHE A 37 -7.01 14.83 -1.66
C PHE A 37 -8.36 14.76 -0.96
N GLN A 38 -8.35 14.69 0.36
CA GLN A 38 -9.58 14.60 1.13
C GLN A 38 -10.47 15.83 0.90
N LYS A 39 -9.89 16.89 0.36
CA LYS A 39 -10.64 18.12 0.09
C LYS A 39 -11.05 18.19 -1.38
N GLY A 40 -10.78 17.12 -2.12
CA GLY A 40 -11.13 17.07 -3.53
C GLY A 40 -10.43 18.14 -4.36
N GLN A 41 -9.23 18.52 -3.95
CA GLN A 41 -8.49 19.54 -4.68
C GLN A 41 -7.40 18.96 -5.58
N VAL A 42 -7.35 17.64 -5.69
CA VAL A 42 -6.36 16.98 -6.53
C VAL A 42 -7.01 16.64 -7.87
N SER A 43 -6.35 17.03 -8.96
CA SER A 43 -6.90 16.77 -10.28
C SER A 43 -6.39 15.45 -10.84
N ARG A 44 -6.74 15.22 -12.08
CA ARG A 44 -6.35 14.03 -12.82
C ARG A 44 -4.84 13.87 -12.78
N GLU A 45 -4.13 14.99 -12.96
CA GLU A 45 -2.67 14.98 -12.96
C GLU A 45 -2.08 14.41 -11.68
N GLY A 46 -2.55 14.90 -10.54
CA GLY A 46 -2.04 14.44 -9.27
C GLY A 46 -2.40 12.99 -9.00
N PHE A 47 -3.64 12.62 -9.33
CA PHE A 47 -4.10 11.27 -9.11
C PHE A 47 -3.32 10.27 -9.96
N LYS A 48 -3.05 10.64 -11.22
CA LYS A 48 -2.31 9.76 -12.10
C LYS A 48 -0.88 9.57 -11.58
N LEU A 49 -0.32 10.61 -11.00
CA LEU A 49 1.03 10.56 -10.45
C LEU A 49 1.10 9.58 -9.30
N VAL A 50 0.18 9.71 -8.34
CA VAL A 50 0.21 8.82 -7.20
C VAL A 50 -0.10 7.37 -7.57
N MET A 51 -1.10 7.15 -8.43
CA MET A 51 -1.44 5.78 -8.80
C MET A 51 -0.31 5.09 -9.57
N ALA A 52 0.42 5.86 -10.37
CA ALA A 52 1.54 5.32 -11.12
C ALA A 52 2.65 4.93 -10.14
N SER A 53 2.83 5.73 -9.08
CA SER A 53 3.85 5.42 -8.08
C SER A 53 3.46 4.12 -7.36
N LEU A 54 2.16 3.97 -7.07
CA LEU A 54 1.70 2.76 -6.39
C LEU A 54 1.87 1.54 -7.28
N TYR A 55 1.76 1.74 -8.58
CA TYR A 55 1.95 0.63 -9.50
C TYR A 55 3.35 0.04 -9.30
N HIS A 56 4.35 0.91 -9.23
CA HIS A 56 5.74 0.49 -9.04
C HIS A 56 5.97 -0.16 -7.68
N ILE A 57 5.37 0.43 -6.66
CA ILE A 57 5.51 -0.05 -5.30
C ILE A 57 4.88 -1.42 -5.10
N TYR A 58 3.62 -1.58 -5.50
CA TYR A 58 2.95 -2.86 -5.34
C TYR A 58 3.57 -3.92 -6.23
N THR A 59 4.10 -3.51 -7.38
CA THR A 59 4.76 -4.47 -8.26
C THR A 59 5.97 -5.07 -7.54
N ALA A 60 6.76 -4.20 -6.92
CA ALA A 60 7.94 -4.65 -6.18
C ALA A 60 7.54 -5.49 -4.96
N LEU A 61 6.54 -5.01 -4.22
CA LEU A 61 6.09 -5.71 -3.04
C LEU A 61 5.61 -7.13 -3.37
N GLU A 62 4.80 -7.23 -4.42
CA GLU A 62 4.25 -8.53 -4.80
C GLU A 62 5.25 -9.47 -5.46
N GLU A 63 6.30 -8.91 -6.06
CA GLU A 63 7.36 -9.70 -6.65
C GLU A 63 8.11 -10.36 -5.48
N GLU A 64 8.30 -9.59 -4.40
CA GLU A 64 8.99 -10.12 -3.23
C GLU A 64 8.12 -11.10 -2.45
N ILE A 65 6.81 -10.87 -2.47
CA ILE A 65 5.89 -11.78 -1.80
C ILE A 65 5.94 -13.13 -2.52
N GLU A 66 5.93 -13.09 -3.85
CA GLU A 66 5.99 -14.32 -4.63
C GLU A 66 7.30 -15.04 -4.35
N ARG A 67 8.39 -14.29 -4.26
CA ARG A 67 9.71 -14.87 -3.98
C ARG A 67 9.76 -15.57 -2.62
N ASN A 68 9.01 -15.04 -1.66
CA ASN A 68 9.00 -15.61 -0.31
C ASN A 68 7.70 -16.29 0.09
N LYS A 69 6.84 -16.61 -0.87
CA LYS A 69 5.55 -17.22 -0.52
C LYS A 69 5.66 -18.49 0.32
N GLN A 70 6.69 -19.30 0.08
CA GLN A 70 6.88 -20.55 0.82
C GLN A 70 7.65 -20.39 2.13
N ASN A 71 8.19 -19.20 2.37
CA ASN A 71 8.94 -18.95 3.59
C ASN A 71 7.98 -18.78 4.77
N PRO A 72 8.13 -19.63 5.81
CA PRO A 72 7.29 -19.58 7.00
C PRO A 72 7.23 -18.22 7.72
N VAL A 73 8.19 -17.34 7.46
CA VAL A 73 8.20 -16.03 8.10
C VAL A 73 7.18 -15.11 7.45
N TYR A 74 6.56 -15.58 6.36
CA TYR A 74 5.57 -14.78 5.65
C TYR A 74 4.34 -15.58 5.19
N ALA A 75 4.58 -16.82 4.76
CA ALA A 75 3.56 -17.73 4.22
C ALA A 75 2.12 -17.62 4.74
N PRO A 76 1.91 -17.59 6.07
CA PRO A 76 0.54 -17.50 6.59
C PRO A 76 -0.24 -16.28 6.08
N LEU A 77 0.48 -15.27 5.61
CA LEU A 77 -0.14 -14.05 5.09
C LEU A 77 -0.21 -13.98 3.57
N TYR A 78 0.04 -15.10 2.89
CA TYR A 78 0.02 -15.15 1.43
C TYR A 78 -1.42 -15.20 0.90
N PHE A 79 -1.96 -14.04 0.54
CA PHE A 79 -3.34 -13.91 0.04
C PHE A 79 -3.36 -13.20 -1.32
N PRO A 80 -2.71 -13.77 -2.34
CA PRO A 80 -2.75 -13.07 -3.63
C PRO A 80 -4.12 -12.78 -4.24
N GLU A 81 -5.03 -13.76 -4.20
CA GLU A 81 -6.35 -13.57 -4.79
C GLU A 81 -7.15 -12.46 -4.13
N GLU A 82 -7.11 -12.39 -2.80
CA GLU A 82 -7.84 -11.37 -2.08
C GLU A 82 -7.19 -9.99 -2.04
N LEU A 83 -5.87 -9.96 -1.85
CA LEU A 83 -5.19 -8.67 -1.68
C LEU A 83 -4.33 -8.06 -2.77
N HIS A 84 -3.59 -8.87 -3.52
CA HIS A 84 -2.69 -8.30 -4.53
C HIS A 84 -3.34 -7.28 -5.44
N ARG A 85 -2.61 -6.18 -5.66
CA ARG A 85 -3.10 -5.04 -6.43
C ARG A 85 -2.47 -4.81 -7.79
N ARG A 86 -1.40 -5.51 -8.13
CA ARG A 86 -0.75 -5.27 -9.41
C ARG A 86 -1.70 -5.33 -10.62
N ALA A 87 -2.53 -6.36 -10.68
CA ALA A 87 -3.47 -6.53 -11.79
C ALA A 87 -4.41 -5.34 -11.87
N ALA A 88 -4.96 -4.95 -10.71
CA ALA A 88 -5.88 -3.83 -10.65
C ALA A 88 -5.18 -2.56 -11.13
N LEU A 89 -3.95 -2.35 -10.67
CA LEU A 89 -3.18 -1.18 -11.04
C LEU A 89 -2.88 -1.13 -12.54
N GLU A 90 -2.67 -2.30 -13.14
CA GLU A 90 -2.41 -2.34 -14.57
C GLU A 90 -3.66 -1.86 -15.32
N GLN A 91 -4.83 -2.21 -14.79
CA GLN A 91 -6.10 -1.79 -15.39
C GLN A 91 -6.26 -0.29 -15.22
N ASP A 92 -5.97 0.22 -14.02
CA ASP A 92 -6.08 1.64 -13.76
C ASP A 92 -5.09 2.42 -14.62
N MET A 93 -3.88 1.89 -14.79
CA MET A 93 -2.88 2.57 -15.61
C MET A 93 -3.34 2.69 -17.06
N ALA A 94 -3.98 1.64 -17.57
CA ALA A 94 -4.48 1.66 -18.93
C ALA A 94 -5.59 2.70 -19.07
N PHE A 95 -6.39 2.83 -18.02
CA PHE A 95 -7.50 3.79 -17.99
C PHE A 95 -7.01 5.23 -17.99
N TRP A 96 -6.08 5.54 -17.08
CA TRP A 96 -5.55 6.89 -16.97
C TRP A 96 -4.48 7.28 -17.98
N TYR A 97 -3.63 6.33 -18.35
CA TYR A 97 -2.55 6.62 -19.27
C TYR A 97 -2.74 6.09 -20.69
N GLY A 98 -3.75 5.26 -20.89
CA GLY A 98 -4.00 4.73 -22.22
C GLY A 98 -3.28 3.44 -22.54
N PRO A 99 -3.43 2.93 -23.78
CA PRO A 99 -2.82 1.69 -24.27
C PRO A 99 -1.31 1.54 -24.06
N HIS A 100 -0.58 2.64 -24.19
CA HIS A 100 0.87 2.59 -24.03
C HIS A 100 1.35 3.12 -22.69
N TRP A 101 0.56 2.89 -21.63
CA TRP A 101 0.93 3.37 -20.31
C TRP A 101 2.31 2.89 -19.87
N GLN A 102 2.68 1.70 -20.32
CA GLN A 102 3.97 1.09 -19.98
C GLN A 102 5.13 2.07 -20.04
N GLU A 103 5.28 2.76 -21.17
CA GLU A 103 6.36 3.72 -21.34
C GLU A 103 5.93 5.16 -21.12
N ALA A 104 4.80 5.35 -20.45
CA ALA A 104 4.29 6.69 -20.19
C ALA A 104 4.34 7.05 -18.71
N ILE A 105 4.07 6.09 -17.84
CA ILE A 105 4.05 6.35 -16.40
C ILE A 105 5.40 6.76 -15.81
N PRO A 106 5.38 7.71 -14.87
CA PRO A 106 6.61 8.20 -14.21
C PRO A 106 7.11 7.24 -13.12
N TYR A 107 8.38 7.41 -12.76
CA TYR A 107 9.02 6.59 -11.73
C TYR A 107 9.87 7.58 -10.93
N THR A 108 9.23 8.25 -9.97
CA THR A 108 9.90 9.25 -9.14
C THR A 108 10.97 8.68 -8.22
N PRO A 109 11.93 9.54 -7.81
CA PRO A 109 13.02 9.14 -6.91
C PRO A 109 12.50 8.56 -5.59
N ALA A 110 11.47 9.19 -5.02
CA ALA A 110 10.91 8.70 -3.77
C ALA A 110 10.30 7.32 -3.98
N THR A 111 9.76 7.10 -5.18
CA THR A 111 9.16 5.80 -5.49
C THR A 111 10.27 4.77 -5.63
N GLN A 112 11.39 5.17 -6.24
CA GLN A 112 12.52 4.29 -6.43
C GLN A 112 13.11 3.89 -5.09
N HIS A 113 13.15 4.83 -4.16
CA HIS A 113 13.67 4.58 -2.82
C HIS A 113 12.82 3.53 -2.10
N TYR A 114 11.50 3.66 -2.25
CA TYR A 114 10.56 2.71 -1.62
C TYR A 114 10.82 1.32 -2.22
N VAL A 115 10.80 1.23 -3.55
CA VAL A 115 11.04 -0.03 -4.25
C VAL A 115 12.36 -0.67 -3.83
N LYS A 116 13.39 0.17 -3.67
CA LYS A 116 14.70 -0.32 -3.29
C LYS A 116 14.63 -1.02 -1.94
N ARG A 117 13.98 -0.39 -0.97
CA ARG A 117 13.87 -1.00 0.35
C ARG A 117 13.07 -2.29 0.27
N LEU A 118 12.03 -2.30 -0.55
CA LEU A 118 11.20 -3.50 -0.71
C LEU A 118 12.03 -4.67 -1.21
N HIS A 119 12.91 -4.42 -2.17
CA HIS A 119 13.76 -5.48 -2.68
C HIS A 119 14.82 -5.89 -1.66
N GLU A 120 15.27 -4.95 -0.84
CA GLU A 120 16.27 -5.27 0.18
C GLU A 120 15.62 -6.20 1.20
N VAL A 121 14.40 -5.86 1.61
CA VAL A 121 13.68 -6.66 2.58
C VAL A 121 13.38 -8.04 2.01
N GLY A 122 12.79 -8.07 0.82
CA GLY A 122 12.45 -9.33 0.20
C GLY A 122 13.62 -10.24 -0.11
N GLY A 123 14.75 -9.65 -0.49
CA GLY A 123 15.91 -10.45 -0.82
C GLY A 123 16.85 -10.76 0.33
N THR A 124 16.92 -9.87 1.33
CA THR A 124 17.85 -10.06 2.44
C THR A 124 17.25 -10.21 3.83
N HIS A 125 16.10 -9.58 4.07
CA HIS A 125 15.44 -9.65 5.38
C HIS A 125 13.97 -10.04 5.23
N PRO A 126 13.68 -11.19 4.57
CA PRO A 126 12.29 -11.61 4.39
C PRO A 126 11.40 -11.64 5.63
N GLU A 127 12.02 -11.81 6.80
CA GLU A 127 11.26 -11.84 8.04
C GLU A 127 10.58 -10.50 8.32
N LEU A 128 11.01 -9.46 7.61
CA LEU A 128 10.41 -8.13 7.80
C LEU A 128 9.39 -7.81 6.73
N LEU A 129 9.20 -8.71 5.77
CA LEU A 129 8.25 -8.44 4.69
C LEU A 129 6.84 -8.21 5.22
N VAL A 130 6.48 -8.89 6.31
CA VAL A 130 5.15 -8.72 6.88
C VAL A 130 4.89 -7.26 7.24
N ALA A 131 5.94 -6.53 7.62
CA ALA A 131 5.75 -5.12 7.97
C ALA A 131 5.25 -4.31 6.78
N HIS A 132 5.78 -4.61 5.60
CA HIS A 132 5.38 -3.89 4.40
C HIS A 132 4.02 -4.29 3.85
N ALA A 133 3.67 -5.57 3.97
CA ALA A 133 2.37 -6.04 3.49
C ALA A 133 1.30 -5.45 4.42
N TYR A 134 1.59 -5.49 5.72
CA TYR A 134 0.68 -4.93 6.72
C TYR A 134 0.40 -3.45 6.43
N THR A 135 1.47 -2.67 6.29
CA THR A 135 1.32 -1.25 6.03
C THR A 135 0.50 -0.94 4.78
N ARG A 136 0.77 -1.65 3.70
CA ARG A 136 0.04 -1.40 2.46
C ARG A 136 -1.39 -1.96 2.45
N TYR A 137 -1.52 -3.27 2.57
CA TYR A 137 -2.84 -3.90 2.52
C TYR A 137 -3.85 -3.53 3.59
N LEU A 138 -3.44 -3.49 4.86
CA LEU A 138 -4.41 -3.11 5.90
C LEU A 138 -4.85 -1.67 5.69
N GLY A 139 -3.97 -0.85 5.13
CA GLY A 139 -4.32 0.53 4.87
C GLY A 139 -5.34 0.59 3.74
N ASP A 140 -5.09 -0.20 2.69
CA ASP A 140 -5.99 -0.24 1.55
C ASP A 140 -7.40 -0.64 1.99
N LEU A 141 -7.47 -1.56 2.95
CA LEU A 141 -8.75 -2.03 3.45
C LEU A 141 -9.39 -1.08 4.46
N SER A 142 -8.73 0.05 4.70
CA SER A 142 -9.25 1.03 5.65
C SER A 142 -9.40 2.39 4.99
N GLY A 143 -8.39 3.25 5.16
CA GLY A 143 -8.46 4.58 4.58
C GLY A 143 -8.67 4.56 3.08
N GLY A 144 -8.13 3.54 2.42
CA GLY A 144 -8.28 3.42 0.99
C GLY A 144 -9.73 3.41 0.56
N GLN A 145 -10.60 2.84 1.39
CA GLN A 145 -12.01 2.78 1.05
C GLN A 145 -12.70 4.15 1.16
N VAL A 146 -12.25 4.98 2.10
CA VAL A 146 -12.85 6.29 2.23
C VAL A 146 -12.31 7.15 1.07
N LEU A 147 -11.04 6.95 0.75
CA LEU A 147 -10.42 7.72 -0.33
C LEU A 147 -11.12 7.42 -1.66
N LYS A 148 -11.51 6.17 -1.86
CA LYS A 148 -12.19 5.78 -3.10
C LYS A 148 -13.46 6.62 -3.30
N LYS A 149 -14.25 6.78 -2.26
CA LYS A 149 -15.47 7.56 -2.35
C LYS A 149 -15.18 9.04 -2.63
N ILE A 150 -14.10 9.54 -2.04
CA ILE A 150 -13.71 10.93 -2.26
C ILE A 150 -13.29 11.09 -3.72
N ALA A 151 -12.52 10.12 -4.22
CA ALA A 151 -12.05 10.15 -5.60
C ALA A 151 -13.21 10.15 -6.60
N GLN A 152 -14.21 9.31 -6.34
CA GLN A 152 -15.38 9.22 -7.21
C GLN A 152 -16.13 10.53 -7.31
N LYS A 153 -16.30 11.19 -6.17
CA LYS A 153 -17.01 12.47 -6.11
C LYS A 153 -16.22 13.60 -6.75
N ALA A 154 -14.98 13.75 -6.33
CA ALA A 154 -14.12 14.80 -6.85
C ALA A 154 -13.86 14.75 -8.35
N MET A 155 -13.49 13.57 -8.86
CA MET A 155 -13.16 13.43 -10.27
C MET A 155 -14.24 12.85 -11.19
N ALA A 156 -15.45 12.69 -10.67
CA ALA A 156 -16.54 12.16 -11.47
C ALA A 156 -16.26 10.76 -12.01
N LEU A 157 -15.78 9.87 -11.15
CA LEU A 157 -15.53 8.49 -11.56
C LEU A 157 -16.80 7.71 -11.27
N PRO A 158 -17.26 6.91 -12.24
CA PRO A 158 -18.47 6.10 -12.11
C PRO A 158 -18.43 5.03 -11.03
N SER A 159 -19.59 4.74 -10.45
CA SER A 159 -19.74 3.74 -9.40
C SER A 159 -19.30 2.39 -9.96
N SER A 160 -19.32 2.31 -11.29
CA SER A 160 -18.94 1.10 -12.01
C SER A 160 -17.54 0.63 -11.64
N GLY A 161 -16.67 1.56 -11.23
CA GLY A 161 -15.33 1.17 -10.83
C GLY A 161 -14.17 1.49 -11.75
N GLU A 162 -14.44 1.83 -13.00
CA GLU A 162 -13.36 2.16 -13.94
C GLU A 162 -12.45 3.24 -13.38
N GLY A 163 -11.15 3.02 -13.51
CA GLY A 163 -10.18 4.00 -13.02
C GLY A 163 -9.87 3.90 -11.54
N LEU A 164 -10.64 3.07 -10.83
CA LEU A 164 -10.44 2.88 -9.40
C LEU A 164 -10.34 1.41 -9.01
N ALA A 165 -9.87 0.56 -9.93
CA ALA A 165 -9.72 -0.86 -9.65
C ALA A 165 -8.85 -1.13 -8.43
N PHE A 166 -7.83 -0.29 -8.24
CA PHE A 166 -6.92 -0.43 -7.11
C PHE A 166 -7.68 -0.43 -5.79
N PHE A 167 -8.70 0.41 -5.69
CA PHE A 167 -9.49 0.53 -4.47
C PHE A 167 -10.61 -0.50 -4.36
N THR A 168 -10.68 -1.41 -5.32
CA THR A 168 -11.73 -2.42 -5.32
C THR A 168 -11.21 -3.83 -5.04
N PHE A 169 -11.83 -4.51 -4.08
CA PHE A 169 -11.45 -5.88 -3.72
C PHE A 169 -12.63 -6.81 -3.97
N PRO A 170 -12.79 -7.25 -5.22
CA PRO A 170 -13.90 -8.16 -5.58
C PRO A 170 -13.88 -9.50 -4.86
N SER A 171 -12.70 -9.93 -4.42
CA SER A 171 -12.57 -11.21 -3.73
C SER A 171 -12.76 -11.13 -2.22
N ILE A 172 -13.01 -9.93 -1.71
CA ILE A 172 -13.23 -9.75 -0.27
C ILE A 172 -14.64 -9.22 -0.04
N ASP A 173 -15.48 -10.02 0.61
CA ASP A 173 -16.85 -9.62 0.88
C ASP A 173 -16.93 -8.50 1.91
N ASN A 174 -16.28 -8.69 3.06
CA ASN A 174 -16.30 -7.69 4.11
C ASN A 174 -14.89 -7.34 4.59
N PRO A 175 -14.38 -6.16 4.20
CA PRO A 175 -13.04 -5.71 4.59
C PRO A 175 -12.77 -5.75 6.10
N THR A 176 -13.74 -5.30 6.88
CA THR A 176 -13.58 -5.30 8.33
C THR A 176 -13.31 -6.71 8.84
N LYS A 177 -14.07 -7.68 8.32
CA LYS A 177 -13.90 -9.07 8.70
C LYS A 177 -12.56 -9.61 8.23
N PHE A 178 -12.20 -9.32 6.99
CA PHE A 178 -10.93 -9.81 6.45
C PHE A 178 -9.75 -9.28 7.26
N LYS A 179 -9.81 -8.01 7.65
CA LYS A 179 -8.74 -7.41 8.42
C LYS A 179 -8.55 -8.17 9.73
N GLN A 180 -9.67 -8.54 10.35
CA GLN A 180 -9.63 -9.29 11.60
C GLN A 180 -8.96 -10.64 11.38
N LEU A 181 -9.29 -11.27 10.25
CA LEU A 181 -8.69 -12.55 9.93
C LEU A 181 -7.20 -12.36 9.67
N TYR A 182 -6.86 -11.29 8.96
CA TYR A 182 -5.47 -10.99 8.65
C TYR A 182 -4.67 -10.73 9.93
N ARG A 183 -5.24 -9.97 10.85
CA ARG A 183 -4.56 -9.68 12.12
C ARG A 183 -4.31 -10.98 12.88
N ALA A 184 -5.34 -11.84 12.93
CA ALA A 184 -5.23 -13.12 13.62
C ALA A 184 -4.08 -13.95 13.05
N ARG A 185 -4.03 -14.03 11.72
CA ARG A 185 -3.00 -14.81 11.04
C ARG A 185 -1.60 -14.24 11.32
N MET A 186 -1.53 -12.92 11.39
CA MET A 186 -0.26 -12.24 11.68
C MET A 186 0.25 -12.76 13.01
N ASN A 187 -0.66 -13.01 13.94
CA ASN A 187 -0.27 -13.49 15.25
C ASN A 187 0.13 -14.96 15.31
N THR A 188 0.12 -15.65 14.16
CA THR A 188 0.51 -17.06 14.14
C THR A 188 1.94 -17.22 13.61
N LEU A 189 2.53 -16.13 13.13
CA LEU A 189 3.90 -16.17 12.63
C LEU A 189 4.83 -16.45 13.80
N GLU A 190 5.97 -17.08 13.50
CA GLU A 190 6.97 -17.37 14.53
C GLU A 190 7.49 -16.04 15.05
N MET A 191 7.24 -15.76 16.34
CA MET A 191 7.67 -14.50 16.92
C MET A 191 8.64 -14.62 18.09
N THR A 192 9.72 -13.85 17.98
CA THR A 192 10.74 -13.78 19.01
C THR A 192 10.88 -12.30 19.30
N PRO A 193 11.41 -11.94 20.47
CA PRO A 193 11.56 -10.51 20.78
C PRO A 193 12.30 -9.80 19.64
N GLU A 194 13.31 -10.48 19.10
CA GLU A 194 14.12 -9.94 18.02
C GLU A 194 13.29 -9.58 16.78
N VAL A 195 12.51 -10.53 16.29
CA VAL A 195 11.69 -10.29 15.11
C VAL A 195 10.59 -9.26 15.35
N LYS A 196 9.92 -9.37 16.50
CA LYS A 196 8.84 -8.43 16.80
C LYS A 196 9.36 -7.00 16.87
N HIS A 197 10.53 -6.83 17.46
CA HIS A 197 11.14 -5.52 17.58
C HIS A 197 11.43 -4.92 16.21
N ARG A 198 12.05 -5.69 15.34
CA ARG A 198 12.40 -5.19 14.03
C ARG A 198 11.21 -5.05 13.08
N VAL A 199 10.22 -5.94 13.18
CA VAL A 199 9.05 -5.83 12.32
C VAL A 199 8.32 -4.52 12.61
N THR A 200 8.19 -4.14 13.89
CA THR A 200 7.51 -2.89 14.20
C THR A 200 8.33 -1.68 13.74
N GLU A 201 9.65 -1.81 13.75
CA GLU A 201 10.50 -0.73 13.29
C GLU A 201 10.40 -0.60 11.77
N GLU A 202 10.32 -1.73 11.07
CA GLU A 202 10.22 -1.68 9.62
C GLU A 202 8.86 -1.10 9.21
N ALA A 203 7.82 -1.33 10.02
CA ALA A 203 6.50 -0.78 9.70
C ALA A 203 6.55 0.74 9.77
N LYS A 204 7.24 1.27 10.78
CA LYS A 204 7.37 2.72 10.91
C LYS A 204 8.14 3.22 9.70
N THR A 205 9.14 2.45 9.28
CA THR A 205 9.93 2.83 8.12
C THR A 205 9.04 2.87 6.87
N ALA A 206 8.13 1.89 6.76
CA ALA A 206 7.23 1.82 5.61
C ALA A 206 6.36 3.09 5.58
N PHE A 207 5.85 3.49 6.73
CA PHE A 207 5.02 4.69 6.78
C PHE A 207 5.83 5.92 6.36
N LEU A 208 7.10 5.97 6.77
CA LEU A 208 7.95 7.11 6.42
C LEU A 208 8.18 7.17 4.93
N LEU A 209 8.43 6.01 4.31
CA LEU A 209 8.65 5.96 2.87
C LEU A 209 7.41 6.49 2.17
N ASN A 210 6.24 6.21 2.74
CA ASN A 210 4.98 6.70 2.18
C ASN A 210 4.86 8.20 2.36
N ILE A 211 5.21 8.67 3.55
CA ILE A 211 5.15 10.10 3.82
C ILE A 211 6.08 10.84 2.87
N GLU A 212 7.28 10.31 2.67
CA GLU A 212 8.25 10.94 1.78
C GLU A 212 7.75 10.94 0.33
N LEU A 213 7.06 9.88 -0.08
CA LEU A 213 6.51 9.84 -1.42
C LEU A 213 5.49 10.95 -1.59
N PHE A 214 4.57 11.06 -0.62
CA PHE A 214 3.55 12.09 -0.67
C PHE A 214 4.11 13.49 -0.67
N GLU A 215 5.13 13.73 0.15
CA GLU A 215 5.74 15.06 0.20
C GLU A 215 6.37 15.39 -1.14
N GLU A 216 6.95 14.37 -1.77
CA GLU A 216 7.59 14.56 -3.07
C GLU A 216 6.56 14.85 -4.17
N LEU A 217 5.46 14.10 -4.16
CA LEU A 217 4.42 14.30 -5.17
C LEU A 217 3.81 15.68 -5.04
N GLN A 218 3.54 16.09 -3.80
CA GLN A 218 2.95 17.40 -3.55
C GLN A 218 3.86 18.50 -4.09
N ALA A 219 5.17 18.30 -3.94
CA ALA A 219 6.15 19.27 -4.40
C ALA A 219 6.14 19.34 -5.93
N LEU A 220 6.09 18.17 -6.55
CA LEU A 220 6.07 18.08 -8.01
C LEU A 220 4.82 18.73 -8.61
N LEU A 221 3.71 18.66 -7.88
CA LEU A 221 2.46 19.24 -8.36
C LEU A 221 2.36 20.74 -8.18
N THR A 222 3.00 21.27 -7.15
CA THR A 222 2.96 22.72 -6.87
C THR A 222 4.17 23.47 -7.42
#